data_8CIE
#
_entry.id   8CIE
#
_cell.length_a   88.660
_cell.length_b   88.660
_cell.length_c   131.513
_cell.angle_alpha   90.000
_cell.angle_beta   90.000
_cell.angle_gamma   120.000
#
_symmetry.space_group_name_H-M   'P 63 2 2'
#
loop_
_entity.id
_entity.type
_entity.pdbx_description
1 polymer 'Cyclin-dependent kinase-like 5'
2 non-polymer 4-[[3,5-bis(fluoranyl)phenyl]carbonylamino]-~{N}-piperidin-4-yl-1~{H}-pyrazole-3-carboxamide
3 non-polymer 'SULFATE ION'
4 water water
#
_entity_poly.entity_id   1
_entity_poly.type   'polypeptide(L)'
_entity_poly.pdbx_seq_one_letter_code
;SMKIPNIGNVMNKFEILGVVGEGAYGVVLKCRHKETHEIVAIKKFKDSEENEEVKETTLRELKMLRTLKQENIVELKEAF
RRRGKLYLVFEYVEKNMLELLEEMPNGVPPEKVKSYIYQLIKAIHWCHKNDIVHRDIKPENLLISHNDVLKLCDFGFARN
LSEGNNANYDEEVATRWYRSPELLLGAPYGKSVDMWSVGCILGELSDGQPLFPGESEIDQLFTIQKVLGPLPSEQMKLFY
SNPRFHGLRFPAVNHPQSLERRYLGILNSVLLDLMKNLLKLDPADRYLTEQCLNHPTFQTQRLL
;
_entity_poly.pdbx_strand_id   A
#
loop_
_chem_comp.id
_chem_comp.type
_chem_comp.name
_chem_comp.formula
SO4 non-polymer 'SULFATE ION' 'O4 S -2'
US0 non-polymer 4-[[3,5-bis(fluoranyl)phenyl]carbonylamino]-~{N}-piperidin-4-yl-1~{H}-pyrazole-3-carboxamide 'C16 H17 F2 N5 O2'
#
# COMPACT_ATOMS: atom_id res chain seq x y z
N PHE A 14 31.66 3.55 2.05
CA PHE A 14 30.61 2.69 1.53
C PHE A 14 30.95 2.11 0.16
N GLU A 15 31.22 0.81 0.11
CA GLU A 15 31.34 0.15 -1.19
C GLU A 15 29.96 -0.11 -1.77
N ILE A 16 29.89 -0.13 -3.09
CA ILE A 16 28.63 -0.36 -3.79
C ILE A 16 28.51 -1.84 -4.12
N LEU A 17 27.40 -2.45 -3.70
CA LEU A 17 27.19 -3.87 -3.88
C LEU A 17 26.20 -4.19 -4.98
N GLY A 18 25.33 -3.25 -5.33
CA GLY A 18 24.37 -3.48 -6.40
C GLY A 18 23.31 -2.40 -6.39
N VAL A 19 22.31 -2.61 -7.24
CA VAL A 19 21.17 -1.71 -7.35
C VAL A 19 19.94 -2.45 -6.85
N VAL A 20 19.32 -1.93 -5.79
CA VAL A 20 18.07 -2.50 -5.31
C VAL A 20 16.93 -2.15 -6.27
N GLY A 21 16.83 -0.89 -6.67
CA GLY A 21 15.75 -0.47 -7.53
C GLY A 21 15.89 0.97 -7.96
N GLU A 22 15.09 1.34 -8.97
CA GLU A 22 15.22 2.65 -9.60
C GLU A 22 13.88 3.32 -9.84
N GLY A 23 13.09 2.81 -10.78
CA GLY A 23 11.73 3.28 -10.97
C GLY A 23 11.59 4.78 -11.18
N ALA A 24 10.67 5.40 -10.44
CA ALA A 24 10.31 6.80 -10.60
C ALA A 24 10.55 7.63 -9.34
N TYR A 25 11.34 7.10 -8.40
CA TYR A 25 11.49 7.70 -7.09
C TYR A 25 12.93 8.08 -6.77
N GLY A 26 13.85 7.90 -7.72
CA GLY A 26 15.27 7.98 -7.43
C GLY A 26 15.97 6.67 -7.73
N VAL A 27 17.01 6.37 -6.97
CA VAL A 27 17.72 5.10 -7.08
C VAL A 27 18.08 4.66 -5.67
N VAL A 28 17.88 3.37 -5.40
CA VAL A 28 18.30 2.78 -4.14
C VAL A 28 19.44 1.82 -4.41
N LEU A 29 20.54 1.99 -3.68
CA LEU A 29 21.75 1.21 -3.90
C LEU A 29 22.01 0.34 -2.68
N LYS A 30 22.25 -0.94 -2.92
CA LYS A 30 22.71 -1.83 -1.86
C LYS A 30 24.19 -1.54 -1.64
N CYS A 31 24.52 -0.93 -0.51
CA CYS A 31 25.89 -0.53 -0.21
C CYS A 31 26.30 -1.11 1.14
N ARG A 32 27.60 -1.13 1.36
CA ARG A 32 28.17 -1.65 2.59
C ARG A 32 29.16 -0.63 3.15
N HIS A 33 29.04 -0.35 4.44
CA HIS A 33 30.07 0.43 5.13
C HIS A 33 31.38 -0.34 5.09
N LYS A 34 32.47 0.35 4.80
CA LYS A 34 33.75 -0.34 4.62
C LYS A 34 34.33 -0.80 5.96
N GLU A 35 34.24 0.05 6.99
CA GLU A 35 34.73 -0.33 8.31
C GLU A 35 33.86 -1.43 8.92
N THR A 36 32.57 -1.16 9.06
CA THR A 36 31.60 -2.11 9.57
C THR A 36 30.92 -2.81 8.39
N HIS A 37 30.92 -4.13 8.38
CA HIS A 37 30.30 -4.89 7.28
C HIS A 37 28.78 -4.83 7.42
N GLU A 38 28.23 -3.63 7.24
CA GLU A 38 26.80 -3.39 7.38
C GLU A 38 26.21 -3.08 6.01
N ILE A 39 25.42 -4.02 5.48
CA ILE A 39 24.63 -3.73 4.29
C ILE A 39 23.59 -2.68 4.63
N VAL A 40 23.56 -1.62 3.81
CA VAL A 40 22.64 -0.52 3.98
C VAL A 40 22.05 -0.24 2.60
N ALA A 41 20.91 0.44 2.59
CA ALA A 41 20.24 0.81 1.35
C ALA A 41 20.27 2.33 1.25
N ILE A 42 20.98 2.85 0.26
CA ILE A 42 21.20 4.28 0.12
C ILE A 42 20.36 4.77 -1.05
N LYS A 43 19.56 5.81 -0.80
CA LYS A 43 18.67 6.37 -1.79
C LYS A 43 19.19 7.72 -2.25
N LYS A 44 19.24 7.90 -3.56
CA LYS A 44 19.49 9.19 -4.17
C LYS A 44 18.58 9.25 -5.39
N PHE A 45 18.40 10.44 -5.92
CA PHE A 45 17.32 10.69 -6.86
C PHE A 45 17.82 10.67 -8.30
N LYS A 46 16.88 10.36 -9.20
CA LYS A 46 17.20 10.18 -10.61
C LYS A 46 16.28 10.99 -11.51
N GLU A 53 14.12 18.87 -2.02
CA GLU A 53 14.93 18.87 -3.22
C GLU A 53 14.31 18.04 -4.32
N VAL A 54 15.06 17.04 -4.86
CA VAL A 54 14.71 16.49 -6.18
C VAL A 54 13.30 15.95 -6.09
N LYS A 55 12.50 16.31 -7.10
CA LYS A 55 11.06 16.44 -7.09
C LYS A 55 10.46 16.37 -5.69
N GLU A 56 10.51 15.24 -5.02
CA GLU A 56 9.93 15.12 -3.68
C GLU A 56 11.07 15.15 -2.68
N THR A 57 11.03 16.13 -1.80
CA THR A 57 12.22 16.50 -1.08
C THR A 57 12.71 15.42 -0.12
N THR A 58 13.93 14.98 -0.38
CA THR A 58 14.66 14.22 0.61
C THR A 58 14.64 14.90 1.96
N LEU A 59 14.51 16.24 1.99
CA LEU A 59 14.46 16.98 3.24
C LEU A 59 13.18 16.69 4.04
N ARG A 60 12.03 16.63 3.36
CA ARG A 60 10.80 16.17 4.02
C ARG A 60 10.97 14.75 4.53
N GLU A 61 11.33 13.84 3.63
CA GLU A 61 11.51 12.44 4.00
C GLU A 61 12.40 12.29 5.25
N LEU A 62 13.56 12.97 5.29
CA LEU A 62 14.43 12.78 6.46
C LEU A 62 13.75 13.24 7.74
N LYS A 63 12.83 14.19 7.66
CA LYS A 63 12.03 14.56 8.84
C LYS A 63 10.78 13.70 9.01
N MET A 64 10.07 13.37 7.92
CA MET A 64 8.96 12.41 8.02
C MET A 64 9.44 11.12 8.64
N LEU A 65 10.67 10.71 8.34
CA LEU A 65 11.28 9.53 8.93
C LEU A 65 12.00 9.82 10.25
N ARG A 66 12.04 11.08 10.68
CA ARG A 66 12.41 11.41 12.05
C ARG A 66 11.24 11.21 13.01
N THR A 67 10.03 11.68 12.66
CA THR A 67 8.84 11.34 13.46
C THR A 67 8.50 9.87 13.30
N LEU A 68 8.25 9.42 12.07
CA LEU A 68 7.79 8.06 11.83
C LEU A 68 8.86 7.03 12.10
N LYS A 69 9.26 6.89 13.36
CA LYS A 69 10.14 5.83 13.81
C LYS A 69 9.32 4.85 14.63
N GLN A 70 9.04 3.69 14.05
CA GLN A 70 8.39 2.60 14.77
C GLN A 70 8.73 1.31 14.04
N GLU A 71 8.49 0.19 14.72
CA GLU A 71 9.04 -1.10 14.31
C GLU A 71 8.57 -1.56 12.95
N ASN A 72 7.51 -0.96 12.40
CA ASN A 72 7.01 -1.37 11.10
C ASN A 72 7.17 -0.28 10.03
N ILE A 73 8.09 0.65 10.25
CA ILE A 73 8.48 1.62 9.23
C ILE A 73 10.00 1.56 9.09
N VAL A 74 10.48 1.80 7.87
CA VAL A 74 11.90 1.62 7.59
C VAL A 74 12.73 2.60 8.41
N GLU A 75 13.88 2.13 8.89
CA GLU A 75 14.74 2.92 9.76
C GLU A 75 15.72 3.73 8.94
N LEU A 76 15.70 5.05 9.14
CA LEU A 76 16.77 5.93 8.66
C LEU A 76 17.98 5.74 9.57
N LYS A 77 18.95 4.95 9.10
CA LYS A 77 20.12 4.67 9.93
C LYS A 77 21.03 5.88 10.06
N GLU A 78 21.24 6.60 8.96
CA GLU A 78 22.01 7.84 9.00
C GLU A 78 21.77 8.57 7.68
N ALA A 79 22.28 9.80 7.61
CA ALA A 79 22.22 10.59 6.38
C ALA A 79 23.54 11.33 6.22
N PHE A 80 23.96 11.51 4.98
CA PHE A 80 25.25 12.11 4.70
C PHE A 80 25.14 13.09 3.54
N LEU A 86 24.88 13.98 0.48
CA LEU A 86 23.63 14.75 0.32
C LEU A 86 22.38 14.03 0.91
N TYR A 87 22.37 12.69 0.90
CA TYR A 87 21.12 11.93 1.02
C TYR A 87 21.10 10.81 2.06
N LEU A 88 20.15 9.86 1.87
CA LEU A 88 19.62 9.01 2.92
C LEU A 88 20.11 7.56 2.83
N VAL A 89 20.51 7.00 3.97
CA VAL A 89 20.88 5.59 4.09
C VAL A 89 19.93 4.93 5.08
N PHE A 90 19.31 3.82 4.64
CA PHE A 90 18.34 3.03 5.38
C PHE A 90 18.96 1.71 5.81
N GLU A 91 18.26 1.01 6.71
CA GLU A 91 18.53 -0.39 6.94
C GLU A 91 18.24 -1.16 5.68
N TYR A 92 19.00 -2.22 5.45
CA TYR A 92 18.77 -3.10 4.31
C TYR A 92 17.93 -4.28 4.76
N VAL A 93 16.82 -4.51 4.07
CA VAL A 93 15.98 -5.68 4.27
C VAL A 93 16.09 -6.53 3.01
N GLU A 94 16.32 -7.83 3.17
CA GLU A 94 16.64 -8.67 2.03
C GLU A 94 15.42 -8.90 1.15
N LYS A 95 14.21 -8.90 1.72
CA LYS A 95 13.02 -9.32 1.00
C LYS A 95 11.92 -8.27 1.12
N ASN A 96 11.00 -8.31 0.16
CA ASN A 96 9.75 -7.58 0.23
C ASN A 96 8.58 -8.53 -0.02
N MET A 97 7.36 -8.01 0.10
CA MET A 97 6.17 -8.82 -0.07
C MET A 97 5.97 -9.22 -1.52
N LEU A 98 6.42 -8.39 -2.46
CA LEU A 98 6.33 -8.75 -3.87
C LEU A 98 7.08 -10.06 -4.15
N GLU A 99 8.27 -10.22 -3.55
CA GLU A 99 9.04 -11.44 -3.72
C GLU A 99 8.37 -12.62 -3.01
N LEU A 100 7.81 -12.38 -1.83
CA LEU A 100 7.07 -13.42 -1.11
C LEU A 100 5.95 -13.99 -1.96
N LEU A 101 5.17 -13.11 -2.59
CA LEU A 101 4.03 -13.56 -3.37
C LEU A 101 4.46 -14.27 -4.66
N GLU A 102 5.67 -14.01 -5.15
CA GLU A 102 6.18 -14.78 -6.27
C GLU A 102 6.64 -16.16 -5.82
N GLU A 103 7.20 -16.26 -4.61
CA GLU A 103 7.67 -17.54 -4.12
C GLU A 103 6.53 -18.36 -3.51
N MET A 104 5.55 -17.69 -2.90
CA MET A 104 4.34 -18.36 -2.47
C MET A 104 3.20 -17.88 -3.37
N PRO A 105 3.08 -18.42 -4.59
CA PRO A 105 2.19 -17.81 -5.58
C PRO A 105 0.70 -18.02 -5.32
N ASN A 106 0.33 -19.00 -4.50
CA ASN A 106 -1.06 -19.22 -4.14
C ASN A 106 -1.40 -18.66 -2.77
N GLY A 107 -0.60 -17.72 -2.28
CA GLY A 107 -0.87 -17.09 -1.01
C GLY A 107 0.09 -17.56 0.07
N VAL A 108 0.28 -16.69 1.06
CA VAL A 108 1.11 -17.00 2.22
C VAL A 108 0.21 -17.68 3.26
N PRO A 109 0.77 -18.35 4.27
CA PRO A 109 -0.07 -19.03 5.25
C PRO A 109 -1.04 -18.07 5.90
N PRO A 110 -2.23 -18.55 6.30
CA PRO A 110 -3.24 -17.64 6.87
C PRO A 110 -2.76 -16.85 8.08
N GLU A 111 -1.98 -17.47 8.96
CA GLU A 111 -1.43 -16.75 10.10
C GLU A 111 -0.54 -15.60 9.66
N LYS A 112 0.19 -15.77 8.56
CA LYS A 112 1.03 -14.70 8.05
C LYS A 112 0.20 -13.58 7.44
N VAL A 113 -0.95 -13.91 6.85
CA VAL A 113 -1.85 -12.87 6.35
C VAL A 113 -2.24 -11.94 7.48
N LYS A 114 -2.61 -12.51 8.63
CA LYS A 114 -3.03 -11.68 9.76
C LYS A 114 -1.86 -10.89 10.34
N SER A 115 -0.70 -11.54 10.45
CA SER A 115 0.47 -10.86 11.03
C SER A 115 0.90 -9.69 10.17
N TYR A 116 1.05 -9.90 8.86
CA TYR A 116 1.56 -8.84 8.00
C TYR A 116 0.57 -7.67 7.92
N ILE A 117 -0.73 -7.98 7.79
CA ILE A 117 -1.71 -6.91 7.69
C ILE A 117 -1.83 -6.15 9.00
N TYR A 118 -1.69 -6.84 10.13
CA TYR A 118 -1.71 -6.17 11.43
C TYR A 118 -0.53 -5.23 11.57
N GLN A 119 0.66 -5.68 11.16
CA GLN A 119 1.84 -4.82 11.18
C GLN A 119 1.70 -3.66 10.20
N LEU A 120 1.17 -3.94 9.00
CA LEU A 120 0.93 -2.87 8.03
C LEU A 120 -0.04 -1.83 8.58
N ILE A 121 -1.13 -2.28 9.19
CA ILE A 121 -2.10 -1.35 9.77
C ILE A 121 -1.44 -0.53 10.87
N LYS A 122 -0.57 -1.16 11.66
CA LYS A 122 0.10 -0.41 12.71
C LYS A 122 0.98 0.70 12.15
N ALA A 123 1.71 0.41 11.07
CA ALA A 123 2.55 1.43 10.45
C ALA A 123 1.70 2.55 9.87
N ILE A 124 0.56 2.21 9.25
CA ILE A 124 -0.33 3.24 8.72
C ILE A 124 -0.91 4.06 9.85
N HIS A 125 -1.23 3.42 10.97
CA HIS A 125 -1.74 4.14 12.14
C HIS A 125 -0.75 5.20 12.59
N TRP A 126 0.54 4.85 12.65
CA TRP A 126 1.56 5.80 13.09
C TRP A 126 1.79 6.88 12.05
N CYS A 127 1.54 6.59 10.77
CA CYS A 127 1.62 7.64 9.75
C CYS A 127 0.41 8.55 9.81
N HIS A 128 -0.79 7.98 9.97
CA HIS A 128 -2.01 8.77 9.93
C HIS A 128 -2.17 9.68 11.14
N LYS A 129 -1.57 9.31 12.27
CA LYS A 129 -1.66 10.15 13.47
C LYS A 129 -0.91 11.47 13.29
N ASN A 130 0.26 11.42 12.67
CA ASN A 130 1.00 12.61 12.29
C ASN A 130 0.50 13.19 10.97
N ASP A 131 -0.68 12.76 10.53
CA ASP A 131 -1.35 13.32 9.36
C ASP A 131 -0.52 13.16 8.09
N ILE A 132 0.01 11.97 7.90
CA ILE A 132 0.77 11.60 6.71
C ILE A 132 0.03 10.46 6.03
N VAL A 133 -0.40 10.69 4.79
CA VAL A 133 -0.92 9.62 3.95
C VAL A 133 0.24 9.10 3.09
N HIS A 134 0.48 7.78 3.16
CA HIS A 134 1.66 7.23 2.51
C HIS A 134 1.58 7.35 1.00
N ARG A 135 0.43 6.98 0.41
CA ARG A 135 0.07 7.19 -0.99
C ARG A 135 0.68 6.20 -1.97
N ASP A 136 1.57 5.31 -1.56
CA ASP A 136 2.13 4.30 -2.45
C ASP A 136 2.25 2.97 -1.71
N ILE A 137 1.15 2.54 -1.12
CA ILE A 137 1.10 1.28 -0.38
C ILE A 137 0.93 0.16 -1.39
N LYS A 138 1.98 -0.64 -1.57
CA LYS A 138 1.97 -1.77 -2.48
C LYS A 138 2.98 -2.79 -1.97
N PRO A 139 2.89 -4.05 -2.42
CA PRO A 139 3.81 -5.07 -1.87
C PRO A 139 5.29 -4.77 -2.05
N GLU A 140 5.69 -4.01 -3.08
CA GLU A 140 7.11 -3.70 -3.24
C GLU A 140 7.61 -2.85 -2.08
N ASN A 141 6.79 -1.92 -1.60
CA ASN A 141 7.18 -1.02 -0.52
C ASN A 141 6.90 -1.60 0.86
N LEU A 142 6.63 -2.89 0.96
CA LEU A 142 6.49 -3.57 2.24
C LEU A 142 7.63 -4.57 2.36
N LEU A 143 8.67 -4.18 3.10
CA LEU A 143 9.79 -5.07 3.37
C LEU A 143 9.45 -6.03 4.50
N ILE A 144 9.99 -7.24 4.42
CA ILE A 144 9.79 -8.25 5.45
C ILE A 144 11.15 -8.70 5.96
N SER A 145 11.42 -8.45 7.24
CA SER A 145 12.72 -8.74 7.84
C SER A 145 12.93 -10.24 8.00
N HIS A 146 14.16 -10.59 8.38
CA HIS A 146 14.48 -11.99 8.68
C HIS A 146 13.70 -12.49 9.89
N ASN A 147 13.21 -11.59 10.73
CA ASN A 147 12.34 -11.91 11.84
C ASN A 147 10.86 -11.81 11.48
N ASP A 148 10.54 -11.73 10.18
CA ASP A 148 9.17 -11.61 9.70
C ASP A 148 8.48 -10.34 10.21
N VAL A 149 9.24 -9.25 10.29
CA VAL A 149 8.72 -7.96 10.70
C VAL A 149 8.52 -7.10 9.46
N LEU A 150 7.28 -6.71 9.19
CA LEU A 150 6.99 -5.85 8.05
C LEU A 150 7.46 -4.43 8.34
N LYS A 151 8.01 -3.77 7.31
CA LYS A 151 8.48 -2.40 7.43
C LYS A 151 8.12 -1.64 6.17
N LEU A 152 7.39 -0.54 6.34
CA LEU A 152 6.95 0.28 5.22
C LEU A 152 8.07 1.21 4.76
N CYS A 153 8.21 1.36 3.44
CA CYS A 153 9.23 2.22 2.85
C CYS A 153 8.63 3.06 1.73
N ASP A 154 9.49 3.90 1.15
CA ASP A 154 9.19 4.78 0.01
C ASP A 154 8.10 5.80 0.35
N PHE A 155 8.52 6.79 1.14
CA PHE A 155 7.65 7.90 1.53
C PHE A 155 7.77 9.09 0.59
N GLY A 156 8.47 8.94 -0.52
CA GLY A 156 8.64 10.06 -1.44
C GLY A 156 7.34 10.52 -2.06
N PHE A 157 6.39 9.60 -2.26
CA PHE A 157 5.18 9.93 -2.98
C PHE A 157 4.05 10.42 -2.07
N ALA A 158 4.36 10.73 -0.82
CA ALA A 158 3.33 10.99 0.18
C ALA A 158 2.81 12.43 0.05
N ARG A 159 1.84 12.75 0.90
CA ARG A 159 1.35 14.11 1.11
C ARG A 159 1.02 14.23 2.58
N ASN A 160 1.48 15.29 3.23
CA ASN A 160 0.96 15.56 4.56
C ASN A 160 -0.37 16.29 4.39
N LEU A 161 -1.24 16.15 5.41
CA LEU A 161 -2.64 16.53 5.23
C LEU A 161 -2.82 18.04 5.21
N SER A 162 -2.11 18.77 6.08
CA SER A 162 -1.93 20.18 5.84
C SER A 162 -0.93 20.35 4.69
N GLU A 163 -0.61 21.59 4.34
CA GLU A 163 0.28 21.91 3.20
C GLU A 163 -0.20 21.08 2.02
N GLY A 164 0.67 20.27 1.41
CA GLY A 164 0.28 19.33 0.39
C GLY A 164 -0.25 19.96 -0.88
N ASN A 165 -1.53 19.74 -1.17
CA ASN A 165 -2.12 20.08 -2.47
C ASN A 165 -1.23 19.54 -3.58
N ASN A 166 -0.81 18.29 -3.43
CA ASN A 166 0.23 17.75 -4.29
C ASN A 166 -0.35 16.94 -5.43
N ALA A 167 0.50 16.67 -6.41
CA ALA A 167 0.30 15.58 -7.33
C ALA A 167 1.31 14.52 -6.92
N ASN A 168 2.53 14.54 -7.48
CA ASN A 168 3.66 13.76 -6.96
C ASN A 168 3.28 12.29 -6.73
N TYR A 169 2.38 11.78 -7.56
CA TYR A 169 1.94 10.42 -7.43
C TYR A 169 2.96 9.45 -8.04
N ASP A 170 2.85 8.19 -7.65
CA ASP A 170 3.45 7.08 -8.36
C ASP A 170 2.48 6.63 -9.44
N GLU A 171 2.84 6.83 -10.70
CA GLU A 171 1.93 6.53 -11.79
C GLU A 171 2.21 5.18 -12.45
N GLU A 172 2.98 4.32 -11.79
CA GLU A 172 3.17 2.96 -12.26
C GLU A 172 1.85 2.19 -12.21
N VAL A 173 1.71 1.22 -13.11
CA VAL A 173 0.46 0.48 -13.25
C VAL A 173 0.22 -0.40 -12.04
N ALA A 174 1.28 -1.01 -11.50
CA ALA A 174 1.12 -1.82 -10.30
C ALA A 174 0.58 -1.00 -9.14
N THR A 175 0.97 0.28 -9.07
CA THR A 175 0.43 1.16 -8.04
C THR A 175 -1.06 1.43 -8.25
N ARG A 176 -1.49 1.56 -9.51
CA ARG A 176 -2.90 1.78 -9.81
C ARG A 176 -3.79 0.72 -9.16
N TRP A 177 -3.32 -0.54 -9.15
CA TRP A 177 -4.17 -1.64 -8.71
C TRP A 177 -4.55 -1.55 -7.23
N TYR A 178 -3.87 -0.69 -6.46
CA TYR A 178 -4.14 -0.53 -5.03
C TYR A 178 -4.85 0.78 -4.73
N ARG A 179 -5.43 1.40 -5.75
CA ARG A 179 -6.07 2.70 -5.63
C ARG A 179 -7.57 2.55 -5.48
N SER A 180 -8.15 3.52 -4.77
CA SER A 180 -9.57 3.55 -4.51
C SER A 180 -10.36 3.79 -5.80
N PRO A 181 -11.60 3.32 -5.86
CA PRO A 181 -12.45 3.70 -7.00
C PRO A 181 -12.64 5.19 -7.10
N GLU A 182 -12.64 5.89 -5.96
CA GLU A 182 -12.81 7.34 -5.98
C GLU A 182 -11.57 8.02 -6.56
N LEU A 183 -10.38 7.53 -6.23
CA LEU A 183 -9.16 8.15 -6.72
C LEU A 183 -8.98 7.90 -8.22
N LEU A 184 -9.38 6.72 -8.69
CA LEU A 184 -9.31 6.44 -10.11
C LEU A 184 -10.23 7.35 -10.92
N LEU A 185 -11.43 7.60 -10.39
CA LEU A 185 -12.40 8.43 -11.08
C LEU A 185 -12.23 9.92 -10.80
N GLY A 186 -11.30 10.31 -9.91
CA GLY A 186 -10.86 11.70 -9.86
C GLY A 186 -10.95 12.44 -8.54
N ALA A 187 -11.23 11.73 -7.45
CA ALA A 187 -11.47 12.37 -6.16
C ALA A 187 -10.18 12.82 -5.49
N PRO A 188 -10.26 13.65 -4.46
CA PRO A 188 -9.10 13.84 -3.57
C PRO A 188 -8.73 12.52 -2.90
N TYR A 189 -7.51 12.49 -2.35
CA TYR A 189 -6.95 11.27 -1.76
C TYR A 189 -6.68 11.50 -0.28
N GLY A 190 -7.37 10.74 0.58
CA GLY A 190 -7.19 10.86 2.01
C GLY A 190 -6.84 9.56 2.71
N LYS A 191 -6.96 9.55 4.04
CA LYS A 191 -6.62 8.35 4.80
C LYS A 191 -7.44 7.15 4.36
N SER A 192 -8.66 7.38 3.88
CA SER A 192 -9.53 6.28 3.48
C SER A 192 -8.98 5.51 2.28
N VAL A 193 -8.24 6.18 1.40
CA VAL A 193 -7.68 5.47 0.24
C VAL A 193 -6.46 4.63 0.65
N ASP A 194 -5.72 5.06 1.67
CA ASP A 194 -4.66 4.22 2.20
C ASP A 194 -5.22 2.91 2.76
N MET A 195 -6.37 2.99 3.44
CA MET A 195 -7.01 1.80 3.97
C MET A 195 -7.51 0.88 2.86
N TRP A 196 -7.98 1.46 1.75
CA TRP A 196 -8.40 0.63 0.63
C TRP A 196 -7.23 -0.20 0.11
N SER A 197 -6.03 0.35 0.11
CA SER A 197 -4.85 -0.41 -0.31
C SER A 197 -4.61 -1.59 0.62
N VAL A 198 -4.84 -1.39 1.91
CA VAL A 198 -4.65 -2.47 2.88
C VAL A 198 -5.57 -3.65 2.57
N GLY A 199 -6.83 -3.35 2.24
CA GLY A 199 -7.75 -4.41 1.87
C GLY A 199 -7.32 -5.14 0.60
N CYS A 200 -6.77 -4.41 -0.37
CA CYS A 200 -6.28 -5.05 -1.59
C CYS A 200 -5.11 -5.97 -1.28
N ILE A 201 -4.28 -5.60 -0.31
CA ILE A 201 -3.13 -6.43 0.05
C ILE A 201 -3.56 -7.64 0.86
N LEU A 202 -4.55 -7.45 1.73
CA LEU A 202 -5.09 -8.58 2.50
C LEU A 202 -5.53 -9.71 1.57
N GLY A 203 -6.28 -9.38 0.52
CA GLY A 203 -6.73 -10.40 -0.40
C GLY A 203 -5.59 -11.05 -1.17
N GLU A 204 -4.65 -10.23 -1.66
CA GLU A 204 -3.53 -10.77 -2.42
C GLU A 204 -2.65 -11.69 -1.58
N LEU A 205 -2.48 -11.37 -0.30
CA LEU A 205 -1.73 -12.26 0.59
C LEU A 205 -2.43 -13.59 0.78
N SER A 206 -3.77 -13.60 0.71
CA SER A 206 -4.52 -14.81 1.03
C SER A 206 -4.49 -15.84 -0.09
N ASP A 207 -4.56 -15.41 -1.34
CA ASP A 207 -4.52 -16.35 -2.46
C ASP A 207 -3.45 -16.04 -3.50
N GLY A 208 -2.60 -15.04 -3.28
CA GLY A 208 -1.54 -14.73 -4.20
C GLY A 208 -1.93 -13.92 -5.42
N GLN A 209 -3.22 -13.63 -5.58
CA GLN A 209 -3.70 -13.00 -6.80
C GLN A 209 -4.06 -11.54 -6.55
N PRO A 210 -3.72 -10.65 -7.49
CA PRO A 210 -4.20 -9.27 -7.39
C PRO A 210 -5.71 -9.24 -7.39
N LEU A 211 -6.28 -8.61 -6.36
CA LEU A 211 -7.73 -8.56 -6.22
C LEU A 211 -8.37 -7.77 -7.36
N PHE A 212 -7.84 -6.58 -7.66
CA PHE A 212 -8.38 -5.69 -8.68
C PHE A 212 -7.34 -5.41 -9.74
N PRO A 213 -7.10 -6.36 -10.65
CA PRO A 213 -6.14 -6.12 -11.74
C PRO A 213 -6.78 -5.51 -12.98
N GLY A 214 -6.04 -4.61 -13.62
CA GLY A 214 -6.53 -3.98 -14.84
C GLY A 214 -5.45 -3.43 -15.74
N GLU A 215 -5.39 -3.90 -16.98
CA GLU A 215 -4.47 -3.32 -17.96
C GLU A 215 -4.82 -1.85 -18.22
N SER A 216 -6.11 -1.53 -18.22
CA SER A 216 -6.60 -0.16 -18.26
C SER A 216 -7.35 0.13 -16.98
N GLU A 217 -7.37 1.41 -16.60
CA GLU A 217 -8.08 1.81 -15.39
C GLU A 217 -9.56 1.44 -15.48
N ILE A 218 -10.15 1.55 -16.67
CA ILE A 218 -11.56 1.24 -16.83
C ILE A 218 -11.80 -0.26 -16.63
N ASP A 219 -10.88 -1.09 -17.12
CA ASP A 219 -10.97 -2.52 -16.86
C ASP A 219 -10.88 -2.83 -15.37
N GLN A 220 -10.21 -1.95 -14.60
CA GLN A 220 -10.19 -2.10 -13.15
C GLN A 220 -11.57 -1.87 -12.55
N LEU A 221 -12.31 -0.90 -13.07
CA LEU A 221 -13.64 -0.67 -12.53
C LEU A 221 -14.54 -1.87 -12.75
N PHE A 222 -14.34 -2.61 -13.84
CA PHE A 222 -15.04 -3.88 -14.00
C PHE A 222 -14.67 -4.86 -12.90
N THR A 223 -13.38 -4.96 -12.58
CA THR A 223 -12.96 -5.92 -11.58
C THR A 223 -13.35 -5.46 -10.17
N ILE A 224 -13.42 -4.15 -9.93
CA ILE A 224 -13.93 -3.67 -8.66
C ILE A 224 -15.41 -3.99 -8.52
N GLN A 225 -16.18 -3.74 -9.58
CA GLN A 225 -17.62 -3.98 -9.52
C GLN A 225 -17.96 -5.46 -9.57
N LYS A 226 -17.18 -6.26 -10.30
CA LYS A 226 -17.48 -7.68 -10.37
C LYS A 226 -17.45 -8.33 -9.00
N VAL A 227 -16.70 -7.76 -8.05
CA VAL A 227 -16.69 -8.27 -6.69
C VAL A 227 -17.48 -7.39 -5.73
N LEU A 228 -17.24 -6.08 -5.72
CA LEU A 228 -17.86 -5.22 -4.73
C LEU A 228 -19.17 -4.62 -5.21
N GLY A 229 -19.60 -4.96 -6.42
CA GLY A 229 -20.92 -4.59 -6.89
C GLY A 229 -20.95 -3.22 -7.55
N PRO A 230 -22.14 -2.81 -7.97
CA PRO A 230 -22.28 -1.53 -8.67
C PRO A 230 -21.84 -0.36 -7.81
N LEU A 231 -21.20 0.61 -8.45
CA LEU A 231 -20.59 1.73 -7.75
C LEU A 231 -21.63 2.70 -7.22
N PRO A 232 -21.27 3.50 -6.21
CA PRO A 232 -22.17 4.55 -5.74
C PRO A 232 -22.45 5.59 -6.82
N SER A 233 -23.58 6.28 -6.65
CA SER A 233 -24.08 7.17 -7.68
C SER A 233 -23.17 8.37 -7.88
N GLU A 234 -22.57 8.88 -6.79
CA GLU A 234 -21.62 9.97 -6.91
C GLU A 234 -20.43 9.58 -7.78
N GLN A 235 -19.94 8.34 -7.63
CA GLN A 235 -18.78 7.91 -8.40
C GLN A 235 -19.14 7.69 -9.86
N MET A 236 -20.25 7.03 -10.14
CA MET A 236 -20.67 6.84 -11.53
C MET A 236 -21.03 8.16 -12.20
N LYS A 237 -21.37 9.20 -11.41
CA LYS A 237 -21.55 10.53 -11.99
C LYS A 237 -20.21 11.15 -12.40
N LEU A 238 -19.18 11.01 -11.56
CA LEU A 238 -17.86 11.58 -11.90
C LEU A 238 -17.25 10.87 -13.10
N PHE A 239 -17.61 9.60 -13.31
CA PHE A 239 -17.17 8.87 -14.49
C PHE A 239 -17.59 9.58 -15.78
N TYR A 240 -18.86 9.98 -15.88
CA TYR A 240 -19.41 10.63 -17.07
C TYR A 240 -19.05 12.11 -17.16
N SER A 241 -18.32 12.65 -16.20
CA SER A 241 -17.86 14.03 -16.21
C SER A 241 -16.36 14.13 -16.37
N ASN A 242 -15.68 13.00 -16.60
CA ASN A 242 -14.23 13.05 -16.59
C ASN A 242 -13.66 12.88 -17.99
N PRO A 243 -12.67 13.69 -18.34
CA PRO A 243 -12.07 13.58 -19.69
C PRO A 243 -11.51 12.20 -19.98
N ARG A 244 -10.88 11.57 -18.99
CA ARG A 244 -10.08 10.37 -19.25
C ARG A 244 -10.92 9.21 -19.76
N PHE A 245 -12.20 9.15 -19.37
CA PHE A 245 -13.04 7.99 -19.68
C PHE A 245 -14.06 8.27 -20.77
N HIS A 246 -14.07 9.47 -21.35
CA HIS A 246 -15.05 9.78 -22.37
C HIS A 246 -14.79 8.99 -23.64
N GLY A 247 -15.87 8.60 -24.31
CA GLY A 247 -15.81 7.82 -25.52
C GLY A 247 -15.82 6.32 -25.34
N LEU A 248 -15.88 5.83 -24.11
CA LEU A 248 -15.74 4.40 -23.84
C LEU A 248 -16.87 3.89 -22.95
N ARG A 249 -17.13 2.59 -23.07
CA ARG A 249 -18.26 1.96 -22.40
C ARG A 249 -18.02 1.86 -20.90
N PHE A 250 -19.13 1.84 -20.13
CA PHE A 250 -18.89 1.62 -18.71
C PHE A 250 -18.76 0.13 -18.42
N PRO A 251 -17.80 -0.26 -17.59
CA PRO A 251 -17.69 -1.67 -17.18
C PRO A 251 -18.84 -2.17 -16.30
N ALA A 252 -20.03 -2.36 -16.88
CA ALA A 252 -21.20 -2.79 -16.11
C ALA A 252 -21.16 -4.27 -15.81
N VAL A 253 -21.75 -4.66 -14.67
CA VAL A 253 -21.75 -6.05 -14.21
C VAL A 253 -23.17 -6.48 -13.86
N ASN A 254 -23.65 -7.54 -14.51
CA ASN A 254 -25.01 -8.06 -14.30
C ASN A 254 -25.12 -8.73 -12.94
N HIS A 255 -24.22 -9.66 -12.65
CA HIS A 255 -24.31 -10.54 -11.48
C HIS A 255 -22.97 -10.51 -10.75
N PRO A 256 -22.84 -9.69 -9.72
CA PRO A 256 -21.56 -9.59 -9.01
C PRO A 256 -21.28 -10.79 -8.13
N GLN A 257 -19.99 -11.05 -7.92
CA GLN A 257 -19.50 -12.11 -7.06
C GLN A 257 -18.90 -11.48 -5.81
N SER A 258 -19.53 -11.69 -4.66
CA SER A 258 -19.14 -10.99 -3.44
C SER A 258 -17.76 -11.43 -2.96
N LEU A 259 -17.21 -10.64 -2.02
CA LEU A 259 -15.96 -11.01 -1.36
C LEU A 259 -16.07 -12.36 -0.68
N GLU A 260 -17.18 -12.59 0.01
CA GLU A 260 -17.44 -13.87 0.66
C GLU A 260 -17.31 -15.01 -0.33
N ARG A 261 -17.90 -14.85 -1.52
CA ARG A 261 -17.73 -15.87 -2.56
C ARG A 261 -16.32 -15.86 -3.10
N ARG A 262 -15.70 -14.68 -3.19
CA ARG A 262 -14.36 -14.59 -3.79
C ARG A 262 -13.31 -15.28 -2.93
N TYR A 263 -13.44 -15.21 -1.60
CA TYR A 263 -12.46 -15.77 -0.70
C TYR A 263 -13.02 -16.94 0.11
N LEU A 264 -14.05 -17.60 -0.40
CA LEU A 264 -14.68 -18.72 0.28
C LEU A 264 -13.68 -19.86 0.47
N GLY A 265 -13.47 -20.24 1.74
CA GLY A 265 -12.50 -21.26 2.08
C GLY A 265 -11.06 -20.78 2.11
N ILE A 266 -10.81 -19.54 1.72
CA ILE A 266 -9.46 -19.01 1.65
C ILE A 266 -9.10 -18.21 2.90
N LEU A 267 -9.98 -17.28 3.28
CA LEU A 267 -9.73 -16.35 4.37
C LEU A 267 -10.56 -16.74 5.59
N ASN A 268 -9.96 -16.60 6.77
CA ASN A 268 -10.71 -16.74 8.02
C ASN A 268 -11.84 -15.72 8.04
N SER A 269 -13.02 -16.17 8.45
CA SER A 269 -14.22 -15.34 8.33
C SER A 269 -14.11 -14.04 9.11
N VAL A 270 -13.50 -14.09 10.30
CA VAL A 270 -13.32 -12.87 11.08
C VAL A 270 -12.42 -11.90 10.34
N LEU A 271 -11.37 -12.41 9.70
CA LEU A 271 -10.48 -11.56 8.90
C LEU A 271 -11.21 -11.03 7.67
N LEU A 272 -12.08 -11.85 7.07
CA LEU A 272 -12.88 -11.36 5.94
C LEU A 272 -13.75 -10.18 6.35
N ASP A 273 -14.20 -10.14 7.60
CA ASP A 273 -15.02 -9.02 8.05
C ASP A 273 -14.21 -7.72 8.05
N LEU A 274 -12.95 -7.78 8.50
CA LEU A 274 -12.09 -6.60 8.42
C LEU A 274 -11.96 -6.15 6.97
N MET A 275 -11.76 -7.09 6.05
CA MET A 275 -11.54 -6.74 4.66
C MET A 275 -12.77 -6.08 4.05
N LYS A 276 -13.97 -6.56 4.40
CA LYS A 276 -15.19 -5.94 3.90
C LYS A 276 -15.27 -4.48 4.33
N ASN A 277 -14.85 -4.20 5.57
CA ASN A 277 -14.85 -2.82 6.06
C ASN A 277 -13.72 -2.01 5.45
N LEU A 278 -12.63 -2.66 5.04
CA LEU A 278 -11.55 -1.98 4.34
C LEU A 278 -11.95 -1.58 2.93
N LEU A 279 -12.81 -2.37 2.29
CA LEU A 279 -13.11 -2.23 0.86
C LEU A 279 -14.54 -1.76 0.61
N LYS A 280 -15.03 -0.85 1.45
CA LYS A 280 -16.32 -0.22 1.18
C LYS A 280 -16.17 0.73 0.01
N LEU A 281 -17.02 0.56 -1.01
CA LEU A 281 -16.93 1.39 -2.21
C LEU A 281 -17.05 2.86 -1.87
N ASP A 282 -17.97 3.20 -0.97
CA ASP A 282 -18.08 4.58 -0.51
C ASP A 282 -17.00 4.85 0.53
N PRO A 283 -16.12 5.83 0.32
CA PRO A 283 -15.04 6.09 1.28
C PRO A 283 -15.54 6.38 2.69
N ALA A 284 -16.74 6.93 2.86
CA ALA A 284 -17.22 7.30 4.19
C ALA A 284 -17.40 6.08 5.08
N ASP A 285 -17.85 4.96 4.51
CA ASP A 285 -18.08 3.74 5.29
C ASP A 285 -16.80 3.01 5.65
N ARG A 286 -15.67 3.39 5.08
CA ARG A 286 -14.44 2.63 5.26
C ARG A 286 -13.88 2.80 6.67
N TYR A 287 -13.43 1.68 7.24
CA TYR A 287 -12.76 1.70 8.53
C TYR A 287 -11.44 2.47 8.44
N LEU A 288 -11.17 3.28 9.46
CA LEU A 288 -9.83 3.82 9.62
C LEU A 288 -9.07 2.95 10.64
N THR A 289 -7.87 3.39 11.00
CA THR A 289 -6.90 2.49 11.61
C THR A 289 -7.32 2.03 13.01
N GLU A 290 -7.90 2.92 13.82
CA GLU A 290 -8.24 2.54 15.19
C GLU A 290 -9.28 1.43 15.20
N GLN A 291 -10.28 1.51 14.32
CA GLN A 291 -11.27 0.44 14.24
C GLN A 291 -10.65 -0.84 13.73
N CYS A 292 -9.72 -0.74 12.77
CA CYS A 292 -9.05 -1.93 12.24
C CYS A 292 -8.26 -2.65 13.33
N LEU A 293 -7.54 -1.89 14.15
CA LEU A 293 -6.72 -2.50 15.19
C LEU A 293 -7.58 -3.12 16.29
N ASN A 294 -8.70 -2.48 16.63
CA ASN A 294 -9.62 -3.03 17.62
C ASN A 294 -10.57 -4.05 17.02
N HIS A 295 -10.33 -4.47 15.77
CA HIS A 295 -11.20 -5.44 15.14
C HIS A 295 -11.02 -6.81 15.80
N PRO A 296 -12.08 -7.63 15.80
CA PRO A 296 -11.98 -8.98 16.36
C PRO A 296 -10.81 -9.82 15.90
N THR A 297 -10.48 -9.79 14.60
CA THR A 297 -9.48 -10.71 14.07
C THR A 297 -8.12 -10.58 14.74
N PHE A 298 -7.89 -9.50 15.49
CA PHE A 298 -6.58 -9.27 16.08
C PHE A 298 -6.54 -9.56 17.57
N GLN A 299 -7.63 -10.09 18.14
CA GLN A 299 -7.73 -10.22 19.60
C GLN A 299 -6.47 -10.86 20.18
N THR A 300 -6.15 -12.09 19.75
CA THR A 300 -4.93 -12.72 20.24
C THR A 300 -3.68 -12.05 19.67
N GLN A 301 -3.78 -11.48 18.46
CA GLN A 301 -2.66 -10.71 17.91
C GLN A 301 -2.40 -9.44 18.71
N ARG A 302 -3.43 -8.85 19.32
CA ARG A 302 -3.27 -7.65 20.13
C ARG A 302 -2.51 -7.90 21.43
N LEU A 303 -2.22 -9.16 21.76
CA LEU A 303 -1.36 -9.44 22.90
C LEU A 303 0.06 -9.58 22.40
N LEU A 304 0.33 -10.70 21.72
CA LEU A 304 1.58 -11.01 21.03
C LEU A 304 2.37 -9.78 20.59
N2 US0 B . 15.90 -1.21 2.72
C2 US0 B . 14.74 -0.55 1.01
N1 US0 B . 13.99 0.17 0.08
C5 US0 B . 14.72 -2.79 -0.23
C6 US0 B . 14.83 -5.06 -1.14
C7 US0 B . 13.71 -6.02 -0.78
C8 US0 B . 13.52 -7.04 -1.89
C11 US0 B . 12.93 1.99 -1.05
C16 US0 B . 12.82 3.35 -1.34
C15 US0 B . 12.12 3.74 -2.45
C14 US0 B . 11.52 2.86 -3.32
C13 US0 B . 11.66 1.52 -3.01
C12 US0 B . 12.34 1.06 -1.92
C4 US0 B . 15.06 -1.88 0.87
N3 US0 B . 15.78 -2.29 1.92
C1 US0 B . 13.67 1.49 0.12
C10 US0 B . 16.10 -5.83 -1.46
C3 US0 B . 15.28 -0.14 2.19
C9 US0 B . 15.84 -6.83 -2.56
F1 US0 B . 11.08 0.62 -3.85
F2 US0 B . 12.02 5.06 -2.72
N4 US0 B . 15.05 -4.08 -0.09
N5 US0 B . 14.77 -7.76 -2.17
O1 US0 B . 14.01 2.24 1.03
O2 US0 B . 14.12 -2.38 -1.24
S SO4 C . 17.42 -8.94 6.79
O1 SO4 C . 16.72 -7.74 7.25
O2 SO4 C . 16.47 -9.92 6.30
O3 SO4 C . 18.35 -8.59 5.72
O4 SO4 C . 18.17 -9.51 7.91
#